data_4G24
#
_entry.id   4G24
#
_cell.length_a   41.750
_cell.length_b   112.475
_cell.length_c   138.762
_cell.angle_alpha   90.00
_cell.angle_beta   90.00
_cell.angle_gamma   90.00
#
_symmetry.space_group_name_H-M   'P 21 21 21'
#
loop_
_entity.id
_entity.type
_entity.pdbx_description
1 polymer 'Pentatricopeptide repeat-containing protein At2g32230, mitochondrial'
2 non-polymer 'ZINC ION'
3 non-polymer 'MANGANESE (II) ION'
4 non-polymer '6-AMINOHEXANOIC ACID'
5 water water
#
_entity_poly.entity_id   1
_entity_poly.type   'polypeptide(L)'
_entity_poly.pdbx_seq_one_letter_code
;GAGHMASPSENLSRKAKKKAIQQSPEALLKQKLDMCSKKGDVLEALRLYDEARRNGVQLSQYHYNVLLYVCSLAEAATES
SPNPGLSRGFDIFKQMIVDKVVPNEATFTNGARLAVAKDDPEMAFDMVKQMKAFGIQPRLRSYGPALFGFCRKGDADKAY
EVDAHMVESEVVPEEPELAALLKVSMDTKNADKVYKTLQRLRDLVRQVSKSTFDMIEEWFKSEVATKTGVKKWDVKKIRD
AVVSGGGGWHGQGWLGTGKWNVKRTEMDENGVCKCCKEKLVCIDINPVETETFAASLTRLACEREVKANFNQFQEWLERH
GPFDAVIDGANMGLVNQRSFSFFQLNNTVQRCQQISPSKRLPLVILHKSRVNGGPATYPKNRALLEKWKNAGALYATPPG
SNDDWYWLYAAVSCKCLLVTNDEMRDHLFQLLGNSFFPRWKEKHQVRISVTREDGLKLNMPPPYSIVIQESEDGTWHVPM
SVEDDLQTSRQWLCAKRSKTP
;
_entity_poly.pdbx_strand_id   A
#
loop_
_chem_comp.id
_chem_comp.type
_chem_comp.name
_chem_comp.formula
MN non-polymer 'MANGANESE (II) ION' 'Mn 2'
ZN non-polymer 'ZINC ION' 'Zn 2'
#
# COMPACT_ATOMS: atom_id res chain seq x y z
N SER A 24 -5.81 35.49 -28.48
CA SER A 24 -6.68 34.27 -28.56
C SER A 24 -7.71 34.24 -27.41
N PRO A 25 -8.97 33.87 -27.71
CA PRO A 25 -10.03 33.96 -26.71
C PRO A 25 -9.87 32.96 -25.56
N GLU A 26 -9.66 31.69 -25.88
CA GLU A 26 -9.43 30.66 -24.86
C GLU A 26 -8.08 30.81 -24.14
N ALA A 27 -7.13 31.48 -24.79
CA ALA A 27 -5.86 31.80 -24.15
C ALA A 27 -6.03 32.95 -23.16
N LEU A 28 -6.96 33.85 -23.45
CA LEU A 28 -7.28 34.96 -22.55
C LEU A 28 -8.01 34.45 -21.31
N LEU A 29 -8.95 33.52 -21.51
CA LEU A 29 -9.68 32.88 -20.42
C LEU A 29 -8.77 32.06 -19.50
N LYS A 30 -7.84 31.30 -20.10
CA LYS A 30 -6.76 30.63 -19.36
C LYS A 30 -6.10 31.59 -18.40
N GLN A 31 -5.55 32.67 -18.95
CA GLN A 31 -4.84 33.73 -18.21
C GLN A 31 -5.71 34.41 -17.15
N LYS A 32 -6.98 34.68 -17.50
CA LYS A 32 -7.92 35.31 -16.59
C LYS A 32 -8.31 34.38 -15.44
N LEU A 33 -8.42 33.09 -15.74
CA LEU A 33 -8.74 32.05 -14.75
C LEU A 33 -7.52 31.65 -13.91
N ASP A 34 -6.33 31.66 -14.50
CA ASP A 34 -5.07 31.52 -13.74
C ASP A 34 -4.97 32.58 -12.63
N MET A 35 -5.39 33.80 -12.97
CA MET A 35 -5.35 34.95 -12.05
C MET A 35 -6.34 34.82 -10.90
N CYS A 36 -7.63 34.88 -11.21
CA CYS A 36 -8.64 34.41 -10.28
C CYS A 36 -8.94 33.00 -10.73
N SER A 37 -8.57 32.00 -9.92
CA SER A 37 -8.03 32.26 -8.60
C SER A 37 -6.67 31.62 -8.37
N LYS A 38 -5.66 32.48 -8.40
CA LYS A 38 -4.52 32.34 -7.53
C LYS A 38 -4.74 33.46 -6.50
N LYS A 39 -5.88 34.13 -6.65
CA LYS A 39 -6.27 35.27 -5.84
C LYS A 39 -7.35 34.91 -4.82
N GLY A 40 -8.05 33.82 -5.08
CA GLY A 40 -9.10 33.36 -4.18
C GLY A 40 -10.50 33.71 -4.66
N ASP A 41 -10.60 34.28 -5.87
CA ASP A 41 -11.84 34.88 -6.37
C ASP A 41 -12.74 33.94 -7.18
N VAL A 42 -13.70 33.37 -6.46
CA VAL A 42 -14.65 32.41 -7.00
C VAL A 42 -15.73 33.14 -7.81
N LEU A 43 -16.22 34.24 -7.24
CA LEU A 43 -17.22 35.08 -7.89
C LEU A 43 -16.80 35.48 -9.30
N GLU A 44 -15.53 35.86 -9.46
CA GLU A 44 -15.02 36.31 -10.74
C GLU A 44 -14.81 35.14 -11.70
N ALA A 45 -14.35 34.01 -11.17
CA ALA A 45 -14.20 32.80 -11.96
C ALA A 45 -15.56 32.35 -12.52
N LEU A 46 -16.61 32.44 -11.71
CA LEU A 46 -17.98 32.09 -12.12
C LEU A 46 -18.60 33.05 -13.15
N ARG A 47 -18.22 34.34 -13.04
CA ARG A 47 -18.66 35.38 -13.96
C ARG A 47 -18.00 35.12 -15.31
N LEU A 48 -16.69 34.88 -15.29
CA LEU A 48 -15.94 34.51 -16.50
C LEU A 48 -16.46 33.23 -17.15
N TYR A 49 -16.93 32.29 -16.34
CA TYR A 49 -17.50 31.02 -16.83
C TYR A 49 -18.74 31.31 -17.69
N ASP A 50 -19.69 32.05 -17.11
CA ASP A 50 -20.97 32.37 -17.77
C ASP A 50 -20.77 33.28 -18.98
N GLU A 51 -19.71 34.08 -18.92
CA GLU A 51 -19.34 35.01 -19.98
C GLU A 51 -18.78 34.24 -21.17
N ALA A 52 -17.89 33.29 -20.90
CA ALA A 52 -17.33 32.41 -21.93
C ALA A 52 -18.42 31.71 -22.74
N ARG A 53 -19.52 31.37 -22.07
CA ARG A 53 -20.64 30.71 -22.72
C ARG A 53 -21.48 31.69 -23.57
N ARG A 54 -21.58 32.94 -23.10
CA ARG A 54 -22.29 34.00 -23.84
C ARG A 54 -21.47 34.48 -25.03
N ASN A 55 -20.16 34.32 -24.95
CA ASN A 55 -19.26 34.60 -26.05
C ASN A 55 -19.04 33.39 -26.96
N GLY A 56 -19.46 32.22 -26.50
CA GLY A 56 -19.33 30.98 -27.27
C GLY A 56 -17.92 30.42 -27.34
N VAL A 57 -17.08 30.79 -26.36
CA VAL A 57 -15.77 30.18 -26.17
C VAL A 57 -15.96 28.84 -25.42
N GLN A 58 -15.63 27.74 -26.09
CA GLN A 58 -15.75 26.39 -25.50
C GLN A 58 -14.62 26.19 -24.49
N LEU A 59 -14.99 25.95 -23.23
CA LEU A 59 -14.00 25.65 -22.18
C LEU A 59 -13.30 24.31 -22.40
N SER A 60 -11.97 24.33 -22.25
CA SER A 60 -11.17 23.12 -22.40
C SER A 60 -11.00 22.41 -21.07
N GLN A 61 -10.29 21.30 -21.11
CA GLN A 61 -9.89 20.60 -19.91
C GLN A 61 -9.23 21.54 -18.91
N TYR A 62 -8.20 22.25 -19.36
CA TYR A 62 -7.47 23.16 -18.48
C TYR A 62 -8.38 24.16 -17.78
N HIS A 63 -9.29 24.79 -18.53
CA HIS A 63 -10.20 25.81 -17.97
C HIS A 63 -11.09 25.19 -16.94
N TYR A 64 -11.65 24.04 -17.29
CA TYR A 64 -12.58 23.34 -16.42
C TYR A 64 -11.93 22.94 -15.09
N ASN A 65 -10.69 22.45 -15.14
CA ASN A 65 -9.95 22.08 -13.93
C ASN A 65 -9.74 23.26 -13.00
N VAL A 66 -9.37 24.43 -13.56
CA VAL A 66 -9.16 25.63 -12.75
C VAL A 66 -10.46 26.05 -12.11
N LEU A 67 -11.54 26.05 -12.88
CA LEU A 67 -12.86 26.36 -12.36
C LEU A 67 -13.21 25.48 -11.18
N LEU A 68 -13.10 24.17 -11.37
CA LEU A 68 -13.41 23.18 -10.33
C LEU A 68 -12.60 23.39 -9.06
N TYR A 69 -11.29 23.62 -9.23
CA TYR A 69 -10.40 23.86 -8.08
C TYR A 69 -10.83 25.11 -7.32
N VAL A 70 -11.13 26.15 -8.08
CA VAL A 70 -11.50 27.43 -7.51
C VAL A 70 -12.82 27.34 -6.74
N CYS A 71 -13.80 26.65 -7.32
CA CYS A 71 -15.11 26.43 -6.65
C CYS A 71 -14.96 25.63 -5.37
N SER A 72 -13.94 24.77 -5.31
CA SER A 72 -13.69 23.93 -4.16
C SER A 72 -13.01 24.72 -3.05
N LEU A 73 -12.77 26.01 -3.29
CA LEU A 73 -12.32 26.95 -2.25
C LEU A 73 -13.51 27.51 -1.44
N ALA A 74 -14.71 27.48 -2.03
CA ALA A 74 -15.94 27.92 -1.33
C ALA A 74 -16.25 27.03 -0.14
N GLU A 75 -17.05 27.55 0.78
CA GLU A 75 -17.26 26.88 2.05
C GLU A 75 -18.73 26.52 2.26
N ALA A 76 -18.99 25.58 3.17
CA ALA A 76 -20.34 25.13 3.43
C ALA A 76 -21.00 26.08 4.40
N ALA A 77 -22.17 26.59 4.00
CA ALA A 77 -22.90 27.58 4.79
C ALA A 77 -23.46 27.01 6.10
N THR A 78 -22.73 27.25 7.19
CA THR A 78 -23.12 26.79 8.52
C THR A 78 -24.31 27.59 9.08
N GLU A 79 -24.92 28.41 8.22
CA GLU A 79 -25.98 29.34 8.64
C GLU A 79 -27.17 29.47 7.68
N SER A 80 -26.92 29.43 6.37
CA SER A 80 -28.02 29.55 5.40
C SER A 80 -27.82 28.65 4.17
N SER A 81 -28.63 28.88 3.13
CA SER A 81 -28.56 28.16 1.85
C SER A 81 -27.13 27.94 1.36
N PRO A 82 -26.90 26.86 0.58
CA PRO A 82 -25.54 26.61 0.08
C PRO A 82 -24.99 27.76 -0.80
N ASN A 83 -23.70 28.06 -0.67
CA ASN A 83 -23.03 29.10 -1.46
C ASN A 83 -22.92 28.76 -2.95
N PRO A 84 -23.14 29.76 -3.83
CA PRO A 84 -23.12 29.50 -5.27
C PRO A 84 -21.89 28.73 -5.77
N GLY A 85 -20.73 28.94 -5.14
CA GLY A 85 -19.49 28.30 -5.55
C GLY A 85 -19.55 26.78 -5.43
N LEU A 86 -20.13 26.28 -4.33
CA LEU A 86 -20.29 24.84 -4.16
C LEU A 86 -21.43 24.31 -5.04
N SER A 87 -22.60 24.96 -5.00
CA SER A 87 -23.74 24.59 -5.85
C SER A 87 -23.38 24.53 -7.33
N ARG A 88 -22.83 25.62 -7.85
CA ARG A 88 -22.46 25.70 -9.25
C ARG A 88 -21.24 24.85 -9.56
N GLY A 89 -20.38 24.63 -8.55
CA GLY A 89 -19.21 23.78 -8.71
C GLY A 89 -19.56 22.40 -9.26
N PHE A 90 -20.60 21.78 -8.68
CA PHE A 90 -21.12 20.51 -9.18
C PHE A 90 -21.69 20.63 -10.60
N ASP A 91 -22.43 21.71 -10.84
CA ASP A 91 -23.03 21.98 -12.15
C ASP A 91 -21.99 22.07 -13.24
N ILE A 92 -20.85 22.70 -12.92
CA ILE A 92 -19.73 22.83 -13.84
C ILE A 92 -19.11 21.45 -14.08
N PHE A 93 -18.96 20.68 -13.01
CA PHE A 93 -18.50 19.30 -13.13
C PHE A 93 -19.38 18.52 -14.10
N LYS A 94 -20.69 18.56 -13.86
CA LYS A 94 -21.71 17.91 -14.70
C LYS A 94 -21.56 18.32 -16.17
N GLN A 95 -21.29 19.60 -16.38
CA GLN A 95 -21.17 20.16 -17.71
C GLN A 95 -19.92 19.68 -18.44
N MET A 96 -18.79 19.65 -17.73
CA MET A 96 -17.52 19.19 -18.29
C MET A 96 -17.66 17.81 -18.93
N ILE A 97 -18.35 16.92 -18.23
CA ILE A 97 -18.56 15.54 -18.65
C ILE A 97 -19.51 15.51 -19.84
N VAL A 98 -20.58 16.31 -19.76
CA VAL A 98 -21.53 16.42 -20.87
C VAL A 98 -20.83 16.91 -22.14
N ASP A 99 -19.96 17.90 -21.96
CA ASP A 99 -19.13 18.43 -23.05
C ASP A 99 -18.13 17.43 -23.63
N LYS A 100 -18.09 16.20 -23.09
CA LYS A 100 -17.12 15.19 -23.50
C LYS A 100 -15.65 15.57 -23.30
N VAL A 101 -15.40 16.57 -22.46
CA VAL A 101 -14.03 16.98 -22.12
C VAL A 101 -13.41 15.93 -21.18
N VAL A 102 -12.25 15.40 -21.55
CA VAL A 102 -11.65 14.29 -20.80
C VAL A 102 -11.15 14.71 -19.41
N PRO A 103 -11.49 13.94 -18.36
CA PRO A 103 -10.95 14.28 -17.04
C PRO A 103 -9.54 13.70 -16.91
N ASN A 104 -8.63 14.45 -16.31
CA ASN A 104 -7.30 13.95 -15.94
C ASN A 104 -7.20 13.91 -14.43
N GLU A 105 -6.01 13.63 -13.89
CA GLU A 105 -5.91 13.39 -12.44
C GLU A 105 -6.29 14.62 -11.62
N ALA A 106 -5.98 15.80 -12.16
CA ALA A 106 -6.38 17.05 -11.52
C ALA A 106 -7.91 17.17 -11.41
N THR A 107 -8.63 16.67 -12.42
CA THR A 107 -10.10 16.69 -12.41
C THR A 107 -10.72 15.89 -11.25
N PHE A 108 -10.24 14.66 -11.03
CA PHE A 108 -10.77 13.81 -9.94
C PHE A 108 -10.46 14.35 -8.57
N THR A 109 -9.25 14.89 -8.40
CA THR A 109 -8.82 15.56 -7.18
C THR A 109 -9.70 16.78 -6.84
N ASN A 110 -9.85 17.68 -7.80
CA ASN A 110 -10.69 18.88 -7.62
C ASN A 110 -12.17 18.56 -7.48
N GLY A 111 -12.65 17.67 -8.34
CA GLY A 111 -13.99 17.10 -8.22
C GLY A 111 -14.27 16.56 -6.83
N ALA A 112 -13.28 15.87 -6.25
CA ALA A 112 -13.43 15.28 -4.91
C ALA A 112 -13.39 16.31 -3.78
N ARG A 113 -12.48 17.28 -3.83
CA ARG A 113 -12.44 18.31 -2.78
C ARG A 113 -13.72 19.15 -2.82
N LEU A 114 -14.22 19.41 -4.03
CA LEU A 114 -15.56 19.98 -4.22
C LEU A 114 -16.56 19.19 -3.38
N ALA A 115 -16.63 17.88 -3.66
CA ALA A 115 -17.56 16.96 -2.98
C ALA A 115 -17.38 16.94 -1.46
N VAL A 116 -16.12 16.95 -1.01
CA VAL A 116 -15.76 16.97 0.42
C VAL A 116 -16.16 18.27 1.13
N ALA A 117 -15.95 19.41 0.46
CA ALA A 117 -16.35 20.73 0.99
C ALA A 117 -17.85 20.83 1.19
N LYS A 118 -18.60 20.43 0.16
CA LYS A 118 -20.06 20.41 0.20
C LYS A 118 -20.55 19.48 1.30
N ASP A 119 -19.89 18.32 1.44
CA ASP A 119 -20.23 17.30 2.43
C ASP A 119 -21.65 16.74 2.25
N ASP A 120 -22.04 16.57 0.98
CA ASP A 120 -23.35 16.00 0.63
C ASP A 120 -23.07 14.63 0.00
N PRO A 121 -23.19 13.54 0.79
CA PRO A 121 -22.90 12.20 0.27
C PRO A 121 -23.70 11.86 -0.98
N GLU A 122 -24.98 12.21 -1.00
CA GLU A 122 -25.83 11.96 -2.17
C GLU A 122 -25.31 12.64 -3.44
N MET A 123 -24.88 13.89 -3.32
CA MET A 123 -24.34 14.64 -4.47
C MET A 123 -22.99 14.08 -4.93
N ALA A 124 -22.12 13.73 -3.98
CA ALA A 124 -20.88 13.04 -4.28
C ALA A 124 -21.14 11.74 -5.05
N PHE A 125 -22.09 10.96 -4.57
CA PHE A 125 -22.49 9.72 -5.26
C PHE A 125 -23.00 9.97 -6.70
N ASP A 126 -23.79 11.04 -6.91
CA ASP A 126 -24.25 11.40 -8.26
C ASP A 126 -23.11 11.62 -9.24
N MET A 127 -22.05 12.30 -8.80
CA MET A 127 -20.87 12.57 -9.62
C MET A 127 -20.27 11.28 -10.14
N VAL A 128 -20.21 10.28 -9.27
CA VAL A 128 -19.63 8.98 -9.62
C VAL A 128 -20.55 8.21 -10.59
N LYS A 129 -21.85 8.23 -10.32
CA LYS A 129 -22.86 7.65 -11.22
C LYS A 129 -22.76 8.28 -12.64
N GLN A 130 -22.55 9.58 -12.68
CA GLN A 130 -22.35 10.29 -13.96
C GLN A 130 -21.09 9.89 -14.74
N MET A 131 -19.96 9.74 -14.04
CA MET A 131 -18.73 9.25 -14.65
C MET A 131 -18.96 7.89 -15.31
N LYS A 132 -19.63 6.99 -14.59
CA LYS A 132 -19.95 5.68 -15.12
C LYS A 132 -20.86 5.83 -16.34
N ALA A 133 -21.90 6.65 -16.21
CA ALA A 133 -22.80 6.91 -17.34
C ALA A 133 -22.03 7.23 -18.62
N PHE A 134 -21.02 8.09 -18.52
CA PHE A 134 -20.21 8.55 -19.67
C PHE A 134 -18.89 7.78 -19.87
N GLY A 135 -18.84 6.53 -19.42
CA GLY A 135 -17.67 5.69 -19.67
C GLY A 135 -16.36 6.16 -19.05
N ILE A 136 -16.46 6.96 -18.00
CA ILE A 136 -15.28 7.46 -17.32
C ILE A 136 -15.02 6.58 -16.10
N GLN A 137 -13.78 6.20 -15.91
CA GLN A 137 -13.38 5.37 -14.78
C GLN A 137 -13.27 6.24 -13.50
N PRO A 138 -14.15 6.03 -12.51
CA PRO A 138 -13.96 6.85 -11.31
C PRO A 138 -12.71 6.40 -10.55
N ARG A 139 -12.16 7.29 -9.75
CA ARG A 139 -10.99 7.02 -8.93
C ARG A 139 -11.43 6.72 -7.50
N LEU A 140 -10.49 6.23 -6.67
CA LEU A 140 -10.81 5.89 -5.28
C LEU A 140 -11.20 7.15 -4.51
N ARG A 141 -10.48 8.25 -4.75
CA ARG A 141 -10.81 9.52 -4.09
C ARG A 141 -12.19 10.11 -4.48
N SER A 142 -12.70 9.72 -5.66
CA SER A 142 -14.05 10.10 -6.10
C SER A 142 -15.12 9.46 -5.20
N TYR A 143 -14.84 8.25 -4.73
CA TYR A 143 -15.81 7.50 -3.94
C TYR A 143 -15.81 7.95 -2.49
N GLY A 144 -14.66 8.45 -2.02
CA GLY A 144 -14.46 8.79 -0.61
C GLY A 144 -15.56 9.63 0.00
N PRO A 145 -15.78 10.84 -0.55
CA PRO A 145 -16.77 11.73 0.07
C PRO A 145 -18.18 11.15 0.11
N ALA A 146 -18.57 10.38 -0.91
CA ALA A 146 -19.84 9.63 -0.86
C ALA A 146 -19.82 8.55 0.25
N LEU A 147 -18.86 7.62 0.17
CA LEU A 147 -18.76 6.55 1.19
C LEU A 147 -18.69 7.07 2.63
N PHE A 148 -17.71 7.94 2.91
CA PHE A 148 -17.55 8.52 4.24
C PHE A 148 -18.72 9.39 4.70
N GLY A 149 -19.36 10.10 3.77
CA GLY A 149 -20.53 10.92 4.08
C GLY A 149 -21.63 10.06 4.69
N PHE A 150 -22.06 9.06 3.94
CA PHE A 150 -23.05 8.09 4.43
C PHE A 150 -22.68 7.39 5.73
N CYS A 151 -21.40 7.01 5.85
CA CYS A 151 -20.91 6.31 7.04
C CYS A 151 -21.01 7.19 8.30
N ARG A 152 -20.69 8.47 8.18
CA ARG A 152 -20.81 9.41 9.31
C ARG A 152 -22.26 9.55 9.74
N LYS A 153 -23.18 9.48 8.78
CA LYS A 153 -24.61 9.67 9.08
C LYS A 153 -25.29 8.37 9.48
N GLY A 154 -24.52 7.29 9.56
CA GLY A 154 -25.03 5.98 9.96
C GLY A 154 -25.88 5.30 8.91
N ASP A 155 -25.84 5.78 7.66
CA ASP A 155 -26.65 5.18 6.60
C ASP A 155 -25.94 3.99 5.93
N ALA A 156 -26.05 2.84 6.57
CA ALA A 156 -25.39 1.62 6.13
C ALA A 156 -25.81 1.25 4.72
N ASP A 157 -27.11 1.25 4.43
CA ASP A 157 -27.61 0.84 3.12
C ASP A 157 -27.01 1.66 2.00
N LYS A 158 -26.94 2.97 2.21
CA LYS A 158 -26.34 3.87 1.22
C LYS A 158 -24.83 3.58 1.10
N ALA A 159 -24.17 3.43 2.24
CA ALA A 159 -22.76 3.03 2.28
C ALA A 159 -22.48 1.75 1.46
N TYR A 160 -23.27 0.69 1.66
CA TYR A 160 -23.12 -0.53 0.88
C TYR A 160 -23.41 -0.34 -0.61
N GLU A 161 -24.29 0.59 -0.95
CA GLU A 161 -24.52 0.92 -2.36
C GLU A 161 -23.27 1.48 -2.99
N VAL A 162 -22.65 2.45 -2.32
CA VAL A 162 -21.40 3.05 -2.80
C VAL A 162 -20.32 1.98 -2.91
N ASP A 163 -20.20 1.15 -1.87
CA ASP A 163 -19.26 0.02 -1.89
C ASP A 163 -19.50 -0.90 -3.08
N ALA A 164 -20.75 -1.31 -3.30
CA ALA A 164 -21.07 -2.20 -4.42
C ALA A 164 -20.72 -1.55 -5.76
N HIS A 165 -20.89 -0.23 -5.82
CA HIS A 165 -20.61 0.52 -7.05
C HIS A 165 -19.14 0.56 -7.30
N MET A 166 -18.37 0.80 -6.22
CA MET A 166 -16.92 0.86 -6.27
C MET A 166 -16.33 -0.50 -6.68
N VAL A 167 -16.86 -1.57 -6.11
CA VAL A 167 -16.43 -2.93 -6.46
C VAL A 167 -16.71 -3.18 -7.95
N GLU A 168 -17.92 -2.82 -8.39
CA GLU A 168 -18.35 -3.02 -9.78
C GLU A 168 -17.44 -2.24 -10.77
N SER A 169 -17.03 -1.02 -10.40
CA SER A 169 -16.02 -0.26 -11.17
C SER A 169 -14.59 -0.82 -11.09
N GLU A 170 -14.39 -1.90 -10.31
CA GLU A 170 -13.05 -2.45 -10.06
C GLU A 170 -12.09 -1.47 -9.40
N VAL A 171 -12.61 -0.55 -8.58
CA VAL A 171 -11.79 0.31 -7.74
C VAL A 171 -11.61 -0.40 -6.39
N VAL A 172 -10.35 -0.54 -5.97
CA VAL A 172 -10.01 -1.35 -4.79
C VAL A 172 -9.89 -0.45 -3.57
N PRO A 173 -10.64 -0.75 -2.49
CA PRO A 173 -10.59 0.12 -1.33
C PRO A 173 -9.27 -0.02 -0.57
N GLU A 174 -8.89 1.01 0.17
CA GLU A 174 -7.80 0.96 1.13
C GLU A 174 -8.33 0.87 2.56
N GLU A 175 -7.44 0.85 3.56
CA GLU A 175 -7.89 0.73 4.95
C GLU A 175 -8.94 1.76 5.41
N PRO A 176 -8.80 3.07 5.05
CA PRO A 176 -9.84 4.03 5.48
C PRO A 176 -11.28 3.68 5.05
N GLU A 177 -11.45 3.23 3.80
CA GLU A 177 -12.76 2.86 3.30
C GLU A 177 -13.30 1.62 4.00
N LEU A 178 -12.40 0.65 4.24
CA LEU A 178 -12.81 -0.58 4.90
C LEU A 178 -13.14 -0.36 6.37
N ALA A 179 -12.37 0.49 7.05
CA ALA A 179 -12.62 0.79 8.46
C ALA A 179 -13.99 1.52 8.62
N ALA A 180 -14.28 2.42 7.69
CA ALA A 180 -15.58 3.09 7.64
C ALA A 180 -16.69 2.05 7.51
N LEU A 181 -16.55 1.14 6.55
CA LEU A 181 -17.54 0.11 6.36
C LEU A 181 -17.67 -0.81 7.56
N LEU A 182 -16.53 -1.16 8.16
CA LEU A 182 -16.53 -1.93 9.37
C LEU A 182 -17.32 -1.21 10.48
N LYS A 183 -17.09 0.10 10.66
CA LYS A 183 -17.75 0.85 11.76
C LYS A 183 -19.27 0.93 11.56
N VAL A 184 -19.67 1.23 10.33
CA VAL A 184 -21.09 1.35 10.00
C VAL A 184 -21.83 0.01 10.12
N SER A 185 -21.13 -1.07 9.81
CA SER A 185 -21.66 -2.42 10.04
C SER A 185 -21.81 -2.75 11.51
N MET A 186 -20.85 -2.30 12.32
CA MET A 186 -20.94 -2.49 13.76
C MET A 186 -22.11 -1.68 14.36
N ASP A 187 -22.16 -0.40 14.01
CA ASP A 187 -23.23 0.50 14.44
C ASP A 187 -24.64 -0.03 14.15
N THR A 188 -24.83 -0.64 13.00
CA THR A 188 -26.14 -1.20 12.62
C THR A 188 -26.27 -2.70 12.84
N LYS A 189 -25.42 -3.26 13.72
CA LYS A 189 -25.54 -4.64 14.19
C LYS A 189 -25.56 -5.69 13.10
N ASN A 190 -24.82 -5.45 12.03
CA ASN A 190 -24.80 -6.36 10.88
C ASN A 190 -23.58 -7.31 10.95
N ALA A 191 -23.76 -8.50 11.55
CA ALA A 191 -22.64 -9.42 11.83
C ALA A 191 -22.06 -10.00 10.53
N ASP A 192 -22.92 -10.17 9.52
CA ASP A 192 -22.51 -10.58 8.16
C ASP A 192 -21.53 -9.63 7.54
N LYS A 193 -21.88 -8.35 7.57
CA LYS A 193 -21.08 -7.34 6.95
C LYS A 193 -19.79 -7.11 7.75
N VAL A 194 -19.84 -7.33 9.07
CA VAL A 194 -18.60 -7.28 9.88
C VAL A 194 -17.66 -8.38 9.40
N TYR A 195 -18.17 -9.61 9.29
CA TYR A 195 -17.38 -10.74 8.82
C TYR A 195 -16.73 -10.45 7.46
N LYS A 196 -17.54 -10.05 6.48
CA LYS A 196 -17.04 -9.83 5.14
C LYS A 196 -16.00 -8.72 5.12
N THR A 197 -16.16 -7.69 5.93
CA THR A 197 -15.22 -6.56 5.91
C THR A 197 -13.89 -6.96 6.54
N LEU A 198 -13.98 -7.76 7.61
CA LEU A 198 -12.81 -8.29 8.25
C LEU A 198 -12.02 -9.18 7.25
N GLN A 199 -12.73 -9.96 6.44
CA GLN A 199 -12.07 -10.73 5.37
C GLN A 199 -11.37 -9.83 4.37
N ARG A 200 -12.01 -8.71 4.03
CA ARG A 200 -11.44 -7.74 3.09
C ARG A 200 -10.18 -7.10 3.67
N LEU A 201 -10.22 -6.79 4.96
CA LEU A 201 -9.04 -6.25 5.63
C LEU A 201 -7.87 -7.23 5.58
N ARG A 202 -8.16 -8.51 5.86
CA ARG A 202 -7.17 -9.60 5.72
C ARG A 202 -6.56 -9.62 4.32
N ASP A 203 -7.43 -9.59 3.33
CA ASP A 203 -7.02 -9.77 1.93
C ASP A 203 -6.23 -8.58 1.37
N LEU A 204 -6.63 -7.36 1.72
CA LEU A 204 -6.07 -6.14 1.11
C LEU A 204 -5.08 -5.36 1.97
N VAL A 205 -5.25 -5.46 3.29
CA VAL A 205 -4.50 -4.61 4.20
C VAL A 205 -3.50 -5.39 5.05
N ARG A 206 -3.93 -6.59 5.50
CA ARG A 206 -3.07 -7.55 6.25
CA ARG A 206 -3.10 -7.56 6.25
C ARG A 206 -2.83 -7.20 7.71
N GLN A 207 -2.29 -6.00 7.96
CA GLN A 207 -2.02 -5.49 9.32
C GLN A 207 -2.74 -4.16 9.46
N VAL A 208 -3.39 -3.95 10.59
CA VAL A 208 -4.33 -2.84 10.70
C VAL A 208 -3.75 -1.68 11.54
N SER A 209 -4.15 -0.45 11.24
CA SER A 209 -3.77 0.70 12.07
C SER A 209 -4.32 0.58 13.50
N LYS A 210 -3.79 1.43 14.39
CA LYS A 210 -4.20 1.46 15.77
C LYS A 210 -5.72 1.62 15.96
N SER A 211 -6.29 2.59 15.25
CA SER A 211 -7.73 2.86 15.32
C SER A 211 -8.57 1.70 14.76
N THR A 212 -8.17 1.09 13.64
CA THR A 212 -8.86 -0.12 13.13
C THR A 212 -8.77 -1.27 14.11
N PHE A 213 -7.59 -1.47 14.70
CA PHE A 213 -7.35 -2.48 15.73
C PHE A 213 -8.30 -2.29 16.92
N ASP A 214 -8.42 -1.05 17.41
CA ASP A 214 -9.32 -0.76 18.53
C ASP A 214 -10.79 -1.11 18.19
N MET A 215 -11.18 -0.76 16.96
CA MET A 215 -12.51 -1.04 16.43
C MET A 215 -12.77 -2.56 16.36
N ILE A 216 -11.81 -3.35 15.88
CA ILE A 216 -11.97 -4.81 15.86
C ILE A 216 -12.10 -5.38 17.26
N GLU A 217 -11.30 -4.83 18.18
CA GLU A 217 -11.36 -5.23 19.56
C GLU A 217 -12.79 -5.00 20.14
N GLU A 218 -13.34 -3.82 19.88
CA GLU A 218 -14.70 -3.49 20.29
C GLU A 218 -15.70 -4.51 19.71
N TRP A 219 -15.61 -4.76 18.40
CA TRP A 219 -16.47 -5.74 17.78
C TRP A 219 -16.47 -7.06 18.51
N PHE A 220 -15.30 -7.67 18.71
CA PHE A 220 -15.26 -8.96 19.35
C PHE A 220 -15.78 -8.96 20.80
N LYS A 221 -15.69 -7.82 21.46
CA LYS A 221 -16.17 -7.75 22.84
C LYS A 221 -17.68 -7.48 22.89
N SER A 222 -18.29 -7.25 21.73
CA SER A 222 -19.65 -6.66 21.69
C SER A 222 -20.74 -7.71 21.80
N GLU A 223 -21.94 -7.26 22.22
CA GLU A 223 -23.10 -8.15 22.36
C GLU A 223 -23.45 -8.88 21.05
N VAL A 224 -23.47 -8.16 19.93
CA VAL A 224 -23.72 -8.79 18.63
C VAL A 224 -22.72 -9.94 18.34
N ALA A 225 -21.43 -9.71 18.60
CA ALA A 225 -20.42 -10.76 18.36
C ALA A 225 -20.64 -11.97 19.26
N THR A 226 -20.96 -11.72 20.52
CA THR A 226 -21.30 -12.77 21.48
C THR A 226 -22.43 -13.65 20.95
N LYS A 227 -23.42 -12.99 20.34
CA LYS A 227 -24.65 -13.65 19.95
C LYS A 227 -24.64 -14.22 18.55
N THR A 228 -23.55 -14.03 17.78
CA THR A 228 -23.45 -14.70 16.46
C THR A 228 -22.64 -16.00 16.53
N GLY A 229 -22.81 -16.85 15.53
CA GLY A 229 -22.02 -18.06 15.44
C GLY A 229 -22.93 -19.26 15.32
N VAL A 230 -22.35 -20.46 15.31
CA VAL A 230 -23.07 -21.72 15.23
C VAL A 230 -22.40 -22.69 16.19
N LYS A 231 -23.17 -23.56 16.86
CA LYS A 231 -22.57 -24.52 17.80
C LYS A 231 -21.87 -25.70 17.10
N LYS A 232 -22.33 -26.06 15.91
CA LYS A 232 -21.64 -27.07 15.10
C LYS A 232 -21.74 -26.85 13.59
N TRP A 233 -20.79 -27.40 12.85
CA TRP A 233 -20.62 -27.06 11.45
C TRP A 233 -19.96 -28.17 10.68
N ASP A 234 -20.07 -28.12 9.36
CA ASP A 234 -19.47 -29.14 8.52
C ASP A 234 -17.93 -29.04 8.52
N VAL A 235 -17.30 -29.75 9.45
CA VAL A 235 -15.84 -29.73 9.62
C VAL A 235 -15.10 -29.97 8.30
N LYS A 236 -15.71 -30.77 7.43
CA LYS A 236 -15.14 -31.10 6.14
C LYS A 236 -15.16 -29.91 5.21
N LYS A 237 -16.26 -29.16 5.23
CA LYS A 237 -16.39 -27.98 4.40
C LYS A 237 -15.38 -26.88 4.78
N ILE A 238 -15.12 -26.73 6.08
CA ILE A 238 -14.08 -25.80 6.58
C ILE A 238 -12.68 -26.19 6.10
N ARG A 239 -12.36 -27.49 6.20
CA ARG A 239 -11.11 -28.04 5.69
C ARG A 239 -10.87 -27.66 4.23
N ASP A 240 -11.87 -27.90 3.39
CA ASP A 240 -11.72 -27.63 1.96
C ASP A 240 -11.65 -26.14 1.63
N ALA A 241 -12.33 -25.31 2.43
CA ALA A 241 -12.25 -23.86 2.28
C ALA A 241 -10.85 -23.37 2.62
N VAL A 242 -10.20 -24.00 3.60
CA VAL A 242 -8.83 -23.66 3.99
C VAL A 242 -7.88 -23.93 2.81
N VAL A 243 -7.98 -25.11 2.22
CA VAL A 243 -7.16 -25.44 1.07
C VAL A 243 -7.41 -24.43 -0.04
N SER A 244 -8.68 -24.21 -0.32
CA SER A 244 -9.10 -23.41 -1.47
C SER A 244 -8.65 -21.93 -1.40
N GLY A 245 -8.62 -21.40 -0.18
CA GLY A 245 -8.24 -20.00 0.02
C GLY A 245 -6.75 -19.70 0.02
N GLY A 246 -5.92 -20.74 0.14
CA GLY A 246 -4.46 -20.55 0.11
C GLY A 246 -3.81 -20.69 1.48
N GLY A 247 -4.62 -20.70 2.54
CA GLY A 247 -4.14 -20.90 3.90
C GLY A 247 -4.42 -19.69 4.79
N GLY A 248 -4.67 -19.95 6.08
CA GLY A 248 -4.72 -18.86 7.06
C GLY A 248 -6.11 -18.26 7.26
N TRP A 249 -7.10 -18.83 6.58
CA TRP A 249 -8.51 -18.39 6.74
C TRP A 249 -9.39 -19.40 6.04
N HIS A 250 -10.70 -19.31 6.26
CA HIS A 250 -11.63 -20.20 5.55
C HIS A 250 -12.78 -19.46 4.93
N GLY A 251 -13.22 -18.39 5.58
CA GLY A 251 -14.23 -17.50 5.00
C GLY A 251 -15.66 -18.03 5.00
N GLN A 252 -15.90 -19.09 5.74
CA GLN A 252 -17.24 -19.69 5.79
C GLN A 252 -18.18 -19.12 6.87
N GLY A 253 -17.71 -18.16 7.64
CA GLY A 253 -18.58 -17.48 8.59
C GLY A 253 -18.14 -17.70 10.02
N TRP A 254 -18.79 -17.00 10.96
CA TRP A 254 -18.49 -17.12 12.39
C TRP A 254 -18.72 -18.52 12.92
N LEU A 255 -17.77 -19.07 13.68
CA LEU A 255 -17.95 -20.42 14.25
C LEU A 255 -17.91 -20.37 15.75
N GLY A 256 -18.54 -21.34 16.41
CA GLY A 256 -18.58 -21.37 17.88
C GLY A 256 -19.71 -20.50 18.39
N THR A 257 -19.89 -20.47 19.72
CA THR A 257 -20.97 -19.67 20.30
C THR A 257 -20.50 -19.04 21.57
N GLY A 258 -21.25 -18.03 22.02
CA GLY A 258 -20.99 -17.40 23.31
C GLY A 258 -19.94 -16.30 23.27
N LYS A 259 -19.68 -15.73 24.44
CA LYS A 259 -18.77 -14.61 24.60
C LYS A 259 -17.36 -14.93 24.04
N TRP A 260 -16.69 -13.92 23.50
CA TRP A 260 -15.29 -14.05 23.04
C TRP A 260 -14.33 -13.71 24.14
N ASN A 261 -13.27 -14.50 24.30
CA ASN A 261 -12.13 -13.99 25.07
C ASN A 261 -11.23 -13.16 24.15
N VAL A 262 -11.14 -11.89 24.44
CA VAL A 262 -10.44 -10.96 23.60
C VAL A 262 -9.27 -10.35 24.37
N LYS A 263 -8.03 -10.63 23.94
CA LYS A 263 -6.84 -10.12 24.65
C LYS A 263 -5.81 -9.50 23.71
N ARG A 264 -5.24 -8.38 24.12
CA ARG A 264 -4.04 -7.86 23.47
C ARG A 264 -2.83 -8.75 23.88
N THR A 265 -2.07 -9.19 22.88
CA THR A 265 -1.03 -10.19 23.09
C THR A 265 0.12 -9.98 22.07
N GLU A 266 1.01 -10.95 22.01
CA GLU A 266 2.15 -10.95 21.07
C GLU A 266 2.35 -12.35 20.58
N MET A 267 3.06 -12.48 19.45
CA MET A 267 3.51 -13.78 19.01
C MET A 267 4.99 -13.88 19.41
N ASP A 268 5.41 -15.08 19.78
CA ASP A 268 6.84 -15.30 19.99
C ASP A 268 7.50 -15.46 18.63
N GLU A 269 8.83 -15.57 18.62
CA GLU A 269 9.58 -15.69 17.36
C GLU A 269 9.11 -16.80 16.43
N ASN A 270 8.37 -17.78 16.95
CA ASN A 270 7.88 -18.89 16.09
C ASN A 270 6.44 -18.79 15.61
N GLY A 271 5.80 -17.69 15.97
CA GLY A 271 4.43 -17.42 15.54
C GLY A 271 3.42 -18.06 16.45
N VAL A 272 3.82 -18.27 17.71
CA VAL A 272 2.96 -18.90 18.72
C VAL A 272 2.27 -17.82 19.54
N CYS A 273 0.93 -17.84 19.55
CA CYS A 273 0.21 -16.83 20.31
C CYS A 273 0.48 -17.07 21.78
N LYS A 274 0.92 -16.03 22.49
CA LYS A 274 1.27 -16.15 23.91
C LYS A 274 0.04 -16.25 24.80
N CYS A 275 -1.08 -15.71 24.33
CA CYS A 275 -2.37 -15.87 25.00
C CYS A 275 -2.89 -17.29 24.87
N CYS A 276 -3.11 -17.77 23.65
CA CYS A 276 -3.81 -19.05 23.45
C CYS A 276 -2.93 -20.19 23.00
N LYS A 277 -1.66 -19.91 22.69
CA LYS A 277 -0.75 -20.94 22.20
C LYS A 277 -1.05 -21.49 20.80
N GLU A 278 -2.03 -20.91 20.09
CA GLU A 278 -2.20 -21.25 18.68
C GLU A 278 -0.91 -20.87 17.93
N LYS A 279 -0.44 -21.75 17.06
CA LYS A 279 0.69 -21.46 16.17
C LYS A 279 0.16 -20.91 14.83
N LEU A 280 0.50 -19.67 14.52
CA LEU A 280 0.06 -19.08 13.24
C LEU A 280 0.66 -19.77 12.04
N VAL A 281 -0.04 -19.67 10.92
CA VAL A 281 0.30 -20.31 9.67
C VAL A 281 1.36 -19.48 8.89
N CYS A 282 2.24 -20.16 8.17
CA CYS A 282 3.08 -19.52 7.15
C CYS A 282 2.34 -19.69 5.83
N ILE A 283 1.89 -18.60 5.22
CA ILE A 283 1.08 -18.71 4.05
C ILE A 283 1.93 -18.67 2.78
N ASP A 284 1.72 -19.66 1.90
CA ASP A 284 2.45 -19.79 0.65
C ASP A 284 2.23 -18.63 -0.32
N ILE A 285 3.28 -18.29 -1.06
CA ILE A 285 3.15 -17.42 -2.20
C ILE A 285 3.16 -18.31 -3.44
N ASN A 286 2.14 -18.16 -4.28
CA ASN A 286 2.11 -18.91 -5.53
C ASN A 286 3.20 -18.38 -6.48
N PRO A 287 4.09 -19.28 -6.93
CA PRO A 287 5.19 -18.87 -7.81
C PRO A 287 4.75 -18.21 -9.12
N VAL A 288 3.52 -18.46 -9.57
CA VAL A 288 2.99 -17.76 -10.76
C VAL A 288 2.86 -16.25 -10.52
N GLU A 289 2.34 -15.87 -9.34
CA GLU A 289 2.25 -14.47 -8.96
C GLU A 289 3.61 -13.80 -8.93
N THR A 290 4.64 -14.54 -8.51
CA THR A 290 5.98 -14.01 -8.45
C THR A 290 6.49 -13.76 -9.87
N GLU A 291 6.21 -14.67 -10.82
CA GLU A 291 6.65 -14.41 -12.18
CA GLU A 291 6.52 -14.51 -12.25
C GLU A 291 5.90 -13.20 -12.76
N THR A 292 4.62 -13.05 -12.45
CA THR A 292 3.87 -11.87 -12.89
C THR A 292 4.50 -10.60 -12.33
N PHE A 293 4.92 -10.66 -11.08
CA PHE A 293 5.47 -9.49 -10.46
C PHE A 293 6.82 -9.16 -11.06
N ALA A 294 7.60 -10.21 -11.40
CA ALA A 294 8.93 -9.98 -11.94
C ALA A 294 8.82 -9.20 -13.28
N ALA A 295 7.90 -9.63 -14.12
CA ALA A 295 7.61 -8.98 -15.40
C ALA A 295 7.17 -7.53 -15.18
N SER A 296 6.30 -7.29 -14.20
CA SER A 296 5.88 -5.92 -13.88
C SER A 296 7.04 -5.05 -13.51
N LEU A 297 7.92 -5.61 -12.68
CA LEU A 297 9.10 -4.93 -12.27
C LEU A 297 9.94 -4.50 -13.42
N THR A 298 10.16 -5.40 -14.39
CA THR A 298 10.99 -5.08 -15.54
C THR A 298 10.35 -3.94 -16.35
N ARG A 299 9.05 -4.05 -16.54
CA ARG A 299 8.27 -3.03 -17.27
C ARG A 299 8.40 -1.67 -16.59
N LEU A 300 8.09 -1.57 -15.29
CA LEU A 300 8.26 -0.31 -14.55
C LEU A 300 9.68 0.24 -14.53
N ALA A 301 10.67 -0.64 -14.36
CA ALA A 301 12.06 -0.20 -14.38
C ALA A 301 12.43 0.39 -15.76
N CYS A 302 12.01 -0.29 -16.83
CA CYS A 302 12.43 0.13 -18.16
C CYS A 302 11.72 1.41 -18.61
N GLU A 303 10.64 1.75 -17.93
CA GLU A 303 9.97 3.02 -18.13
C GLU A 303 10.72 4.21 -17.53
N ARG A 304 11.57 3.96 -16.54
CA ARG A 304 12.24 5.05 -15.83
C ARG A 304 13.72 5.07 -15.99
N GLU A 305 14.34 3.89 -16.05
CA GLU A 305 15.74 3.80 -16.38
C GLU A 305 15.97 4.00 -17.88
N VAL A 306 17.20 4.37 -18.25
CA VAL A 306 17.69 4.15 -19.60
C VAL A 306 17.55 2.65 -19.84
N LYS A 307 16.72 2.30 -20.82
CA LYS A 307 16.39 0.91 -21.11
C LYS A 307 17.66 0.05 -21.29
N ALA A 308 18.62 0.54 -22.05
CA ALA A 308 19.91 -0.15 -22.26
C ALA A 308 20.69 -0.43 -20.96
N ASN A 309 20.60 0.47 -19.98
CA ASN A 309 21.27 0.25 -18.68
C ASN A 309 20.60 -0.89 -17.89
N PHE A 310 19.28 -0.87 -17.80
CA PHE A 310 18.56 -1.95 -17.12
C PHE A 310 18.73 -3.30 -17.83
N ASN A 311 18.59 -3.30 -19.17
CA ASN A 311 18.83 -4.51 -19.96
C ASN A 311 20.23 -5.07 -19.78
N GLN A 312 21.23 -4.20 -19.72
CA GLN A 312 22.61 -4.61 -19.52
C GLN A 312 22.75 -5.34 -18.16
N PHE A 313 22.10 -4.80 -17.14
CA PHE A 313 22.06 -5.51 -15.83
C PHE A 313 21.36 -6.87 -15.92
N GLN A 314 20.19 -6.91 -16.58
CA GLN A 314 19.50 -8.17 -16.75
C GLN A 314 20.36 -9.21 -17.44
N GLU A 315 21.09 -8.82 -18.48
CA GLU A 315 21.98 -9.74 -19.18
C GLU A 315 23.15 -10.21 -18.29
N TRP A 316 23.72 -9.29 -17.54
CA TRP A 316 24.81 -9.65 -16.61
C TRP A 316 24.26 -10.66 -15.59
N LEU A 317 23.10 -10.37 -15.02
CA LEU A 317 22.51 -11.25 -13.97
C LEU A 317 22.27 -12.64 -14.51
N GLU A 318 21.81 -12.71 -15.76
CA GLU A 318 21.63 -14.04 -16.40
C GLU A 318 22.93 -14.86 -16.50
N ARG A 319 24.08 -14.19 -16.60
CA ARG A 319 25.36 -14.87 -16.70
C ARG A 319 26.04 -15.10 -15.34
N HIS A 320 25.35 -14.71 -14.27
CA HIS A 320 25.93 -14.80 -12.97
C HIS A 320 25.05 -15.53 -11.99
N GLY A 321 25.51 -15.58 -10.75
CA GLY A 321 24.85 -16.42 -9.74
C GLY A 321 25.40 -17.85 -9.73
N PRO A 322 24.78 -18.73 -8.90
CA PRO A 322 23.56 -18.48 -8.12
C PRO A 322 23.82 -17.57 -6.89
N PHE A 323 22.76 -16.96 -6.37
CA PHE A 323 22.86 -16.14 -5.15
C PHE A 323 21.84 -16.59 -4.11
N ASP A 324 22.28 -16.61 -2.85
CA ASP A 324 21.40 -16.77 -1.68
C ASP A 324 20.94 -15.43 -1.12
N ALA A 325 21.64 -14.35 -1.44
CA ALA A 325 21.25 -13.05 -0.92
C ALA A 325 21.70 -11.95 -1.84
N VAL A 326 20.90 -10.89 -1.88
CA VAL A 326 21.24 -9.67 -2.60
C VAL A 326 21.34 -8.56 -1.54
N ILE A 327 22.42 -7.78 -1.60
CA ILE A 327 22.60 -6.62 -0.70
C ILE A 327 22.38 -5.26 -1.40
N ASP A 328 21.53 -4.45 -0.79
CA ASP A 328 21.42 -3.01 -1.07
C ASP A 328 22.67 -2.32 -0.49
N GLY A 329 23.72 -2.17 -1.30
CA GLY A 329 25.01 -1.71 -0.80
C GLY A 329 24.97 -0.31 -0.23
N ALA A 330 24.27 0.59 -0.91
CA ALA A 330 24.20 1.98 -0.42
C ALA A 330 23.51 2.06 0.93
N ASN A 331 22.39 1.33 1.09
CA ASN A 331 21.70 1.31 2.36
C ASN A 331 22.53 0.67 3.48
N MET A 332 23.18 -0.45 3.20
CA MET A 332 24.02 -1.06 4.24
C MET A 332 25.21 -0.15 4.63
N GLY A 333 25.74 0.62 3.69
CA GLY A 333 26.88 1.52 3.97
C GLY A 333 26.38 2.71 4.82
N LEU A 334 25.10 3.06 4.71
CA LEU A 334 24.57 4.37 5.21
C LEU A 334 23.63 4.33 6.38
N VAL A 335 22.93 3.21 6.55
CA VAL A 335 21.87 3.16 7.56
C VAL A 335 22.49 3.34 8.96
N ASN A 336 21.99 4.34 9.69
CA ASN A 336 22.51 4.72 11.03
C ASN A 336 23.99 5.14 11.04
N GLN A 337 24.47 5.71 9.94
CA GLN A 337 25.81 6.23 9.87
C GLN A 337 25.78 7.70 9.49
N ARG A 338 26.77 8.46 9.94
CA ARG A 338 26.84 9.85 9.49
C ARG A 338 27.35 9.90 8.06
N SER A 339 28.25 8.98 7.70
CA SER A 339 28.58 8.82 6.28
C SER A 339 28.85 7.34 5.94
N PHE A 340 28.98 7.07 4.65
CA PHE A 340 29.14 5.69 4.16
C PHE A 340 30.18 4.88 4.92
N SER A 341 29.77 3.77 5.51
CA SER A 341 30.66 2.94 6.29
C SER A 341 31.00 1.67 5.52
N PHE A 342 32.22 1.59 5.01
CA PHE A 342 32.68 0.36 4.37
C PHE A 342 32.69 -0.76 5.40
N PHE A 343 33.04 -0.43 6.64
CA PHE A 343 32.94 -1.44 7.68
C PHE A 343 31.58 -2.14 7.73
N GLN A 344 30.52 -1.34 7.72
CA GLN A 344 29.18 -1.91 7.93
C GLN A 344 28.80 -2.75 6.68
N LEU A 345 29.13 -2.23 5.51
CA LEU A 345 28.87 -3.01 4.27
C LEU A 345 29.63 -4.35 4.33
N ASN A 346 30.94 -4.29 4.65
CA ASN A 346 31.75 -5.48 4.67
C ASN A 346 31.28 -6.48 5.74
N ASN A 347 30.93 -5.94 6.91
CA ASN A 347 30.45 -6.83 7.97
C ASN A 347 29.14 -7.54 7.53
N THR A 348 28.29 -6.83 6.81
CA THR A 348 27.02 -7.41 6.31
C THR A 348 27.31 -8.47 5.27
N VAL A 349 28.24 -8.18 4.35
CA VAL A 349 28.66 -9.20 3.34
C VAL A 349 29.17 -10.48 4.02
N GLN A 350 30.08 -10.32 4.99
CA GLN A 350 30.59 -11.50 5.69
C GLN A 350 29.49 -12.27 6.41
N ARG A 351 28.59 -11.56 7.06
CA ARG A 351 27.55 -12.26 7.81
C ARG A 351 26.60 -13.02 6.89
N CYS A 352 26.29 -12.43 5.73
CA CYS A 352 25.44 -13.12 4.75
C CYS A 352 26.12 -14.35 4.19
N GLN A 353 27.41 -14.25 3.84
CA GLN A 353 28.15 -15.39 3.42
C GLN A 353 28.18 -16.50 4.48
N GLN A 354 28.33 -16.10 5.75
CA GLN A 354 28.38 -17.12 6.81
CA GLN A 354 28.35 -17.09 6.84
C GLN A 354 27.07 -17.92 6.92
N ILE A 355 25.92 -17.29 6.72
CA ILE A 355 24.65 -18.04 6.82
C ILE A 355 24.27 -18.76 5.53
N SER A 356 24.97 -18.49 4.44
CA SER A 356 24.71 -19.24 3.17
C SER A 356 25.12 -20.67 3.41
N PRO A 357 24.21 -21.64 3.16
CA PRO A 357 24.63 -23.03 3.41
C PRO A 357 25.93 -23.42 2.71
N SER A 358 26.14 -22.96 1.46
CA SER A 358 27.37 -23.28 0.75
C SER A 358 28.39 -22.12 0.76
N LYS A 359 28.17 -21.13 1.61
CA LYS A 359 29.07 -19.98 1.74
C LYS A 359 29.20 -19.17 0.46
N ARG A 360 28.07 -18.94 -0.23
CA ARG A 360 28.13 -18.03 -1.40
C ARG A 360 28.29 -16.62 -0.90
N LEU A 361 29.14 -15.82 -1.56
CA LEU A 361 29.07 -14.38 -1.39
C LEU A 361 27.68 -13.89 -1.86
N PRO A 362 27.11 -12.92 -1.13
CA PRO A 362 25.93 -12.21 -1.59
C PRO A 362 26.25 -11.33 -2.83
N LEU A 363 25.26 -11.07 -3.64
CA LEU A 363 25.42 -10.10 -4.74
C LEU A 363 25.30 -8.67 -4.15
N VAL A 364 26.39 -7.92 -4.19
CA VAL A 364 26.36 -6.53 -3.71
C VAL A 364 26.00 -5.61 -4.88
N ILE A 365 24.89 -4.89 -4.76
CA ILE A 365 24.49 -3.86 -5.72
C ILE A 365 25.03 -2.52 -5.15
N LEU A 366 25.91 -1.84 -5.88
CA LEU A 366 26.43 -0.54 -5.40
C LEU A 366 26.48 0.50 -6.53
N HIS A 367 26.10 1.75 -6.32
CA HIS A 367 26.43 2.80 -7.32
C HIS A 367 27.89 2.83 -7.78
N LYS A 368 28.09 3.06 -9.08
CA LYS A 368 29.43 3.19 -9.65
C LYS A 368 30.16 4.35 -8.96
N SER A 369 29.40 5.39 -8.64
CA SER A 369 29.87 6.50 -7.82
C SER A 369 30.45 6.04 -6.47
N ARG A 370 29.93 4.94 -5.93
CA ARG A 370 30.35 4.42 -4.61
C ARG A 370 31.52 3.43 -4.64
N VAL A 371 31.77 2.85 -5.82
CA VAL A 371 32.95 2.00 -6.01
C VAL A 371 34.22 2.87 -6.15
N ASN A 372 34.04 4.08 -6.72
CA ASN A 372 35.15 5.05 -6.93
C ASN A 372 35.13 6.20 -5.91
N GLY A 373 36.31 6.70 -5.54
CA GLY A 373 36.42 7.73 -4.49
C GLY A 373 36.62 7.12 -3.12
N GLY A 374 35.63 7.29 -2.23
CA GLY A 374 35.57 6.64 -0.92
C GLY A 374 34.19 6.07 -0.68
N PRO A 375 34.04 4.88 -0.05
CA PRO A 375 34.83 4.00 0.85
C PRO A 375 36.14 3.43 0.29
N ALA A 376 36.17 3.29 -1.04
CA ALA A 376 37.34 2.85 -1.80
C ALA A 376 38.50 3.87 -1.74
N THR A 377 38.43 4.78 -0.76
CA THR A 377 39.52 5.69 -0.39
C THR A 377 40.72 4.87 0.05
N TYR A 378 40.46 3.78 0.78
CA TYR A 378 41.54 2.97 1.32
C TYR A 378 41.80 1.82 0.37
N PRO A 379 43.05 1.67 -0.08
CA PRO A 379 43.38 0.71 -1.13
C PRO A 379 42.93 -0.73 -0.83
N LYS A 380 43.03 -1.20 0.42
CA LYS A 380 42.56 -2.58 0.71
C LYS A 380 41.04 -2.74 0.53
N ASN A 381 40.30 -1.66 0.74
CA ASN A 381 38.84 -1.68 0.55
C ASN A 381 38.52 -1.70 -0.93
N ARG A 382 39.19 -0.84 -1.70
CA ARG A 382 39.11 -0.83 -3.15
CA ARG A 382 39.03 -0.87 -3.15
C ARG A 382 39.37 -2.22 -3.74
N ALA A 383 40.46 -2.84 -3.27
CA ALA A 383 40.85 -4.18 -3.72
C ALA A 383 39.82 -5.27 -3.39
N LEU A 384 39.17 -5.13 -2.24
CA LEU A 384 38.10 -6.09 -1.88
C LEU A 384 36.84 -5.89 -2.75
N LEU A 385 36.43 -4.64 -2.99
CA LEU A 385 35.31 -4.40 -3.91
C LEU A 385 35.59 -5.00 -5.29
N GLU A 386 36.82 -4.87 -5.77
CA GLU A 386 37.20 -5.45 -7.05
CA GLU A 386 37.21 -5.46 -7.07
C GLU A 386 37.22 -6.97 -6.96
N LYS A 387 37.65 -7.49 -5.83
CA LYS A 387 37.60 -8.93 -5.59
C LYS A 387 36.16 -9.49 -5.64
N TRP A 388 35.23 -8.80 -5.00
CA TRP A 388 33.83 -9.22 -5.06
C TRP A 388 33.36 -9.17 -6.51
N LYS A 389 33.68 -8.08 -7.21
CA LYS A 389 33.31 -8.00 -8.64
C LYS A 389 33.90 -9.14 -9.45
N ASN A 390 35.17 -9.44 -9.24
CA ASN A 390 35.80 -10.55 -9.97
CA ASN A 390 35.87 -10.55 -9.87
C ASN A 390 35.28 -11.95 -9.58
N ALA A 391 34.71 -12.08 -8.37
CA ALA A 391 34.06 -13.30 -7.92
C ALA A 391 32.60 -13.41 -8.42
N GLY A 392 32.15 -12.47 -9.24
CA GLY A 392 30.77 -12.52 -9.74
C GLY A 392 29.74 -12.06 -8.73
N ALA A 393 30.14 -11.22 -7.77
CA ALA A 393 29.24 -10.90 -6.64
C ALA A 393 29.13 -9.40 -6.38
N LEU A 394 29.42 -8.56 -7.40
CA LEU A 394 29.17 -7.13 -7.26
C LEU A 394 28.78 -6.56 -8.63
N TYR A 395 27.77 -5.73 -8.63
CA TYR A 395 27.39 -5.04 -9.83
C TYR A 395 27.30 -3.58 -9.47
N ALA A 396 28.06 -2.78 -10.19
CA ALA A 396 28.04 -1.32 -9.95
C ALA A 396 27.05 -0.64 -10.90
N THR A 397 26.01 -0.03 -10.36
CA THR A 397 24.94 0.57 -11.17
C THR A 397 25.42 1.92 -11.74
N PRO A 398 25.07 2.19 -13.02
CA PRO A 398 25.63 3.37 -13.72
C PRO A 398 25.19 4.72 -13.13
N PRO A 399 26.01 5.79 -13.34
CA PRO A 399 25.62 7.09 -12.76
C PRO A 399 24.31 7.57 -13.39
N GLY A 400 23.44 8.15 -12.57
CA GLY A 400 22.12 8.51 -13.05
C GLY A 400 21.03 7.46 -12.83
N SER A 401 21.42 6.20 -12.62
CA SER A 401 20.42 5.12 -12.40
C SER A 401 19.87 5.21 -11.00
N ASN A 402 18.64 4.75 -10.80
CA ASN A 402 18.07 4.54 -9.47
C ASN A 402 18.37 3.08 -9.09
N ASP A 403 19.37 2.86 -8.25
CA ASP A 403 19.80 1.48 -7.99
C ASP A 403 18.75 0.61 -7.31
N ASP A 404 17.69 1.21 -6.74
CA ASP A 404 16.62 0.40 -6.13
C ASP A 404 15.96 -0.59 -7.11
N TRP A 405 15.83 -0.24 -8.40
CA TRP A 405 15.29 -1.19 -9.35
C TRP A 405 16.16 -2.39 -9.46
N TYR A 406 17.47 -2.21 -9.24
CA TYR A 406 18.45 -3.24 -9.55
C TYR A 406 18.51 -4.29 -8.45
N TRP A 407 18.65 -3.88 -7.18
CA TRP A 407 18.59 -4.90 -6.13
C TRP A 407 17.19 -5.52 -5.96
N LEU A 408 16.13 -4.77 -6.25
CA LEU A 408 14.82 -5.36 -6.19
C LEU A 408 14.64 -6.42 -7.28
N TYR A 409 14.98 -6.08 -8.52
CA TYR A 409 14.86 -7.08 -9.59
C TYR A 409 15.79 -8.29 -9.35
N ALA A 410 17.00 -8.07 -8.85
CA ALA A 410 17.91 -9.19 -8.59
C ALA A 410 17.31 -10.17 -7.59
N ALA A 411 16.80 -9.65 -6.48
CA ALA A 411 16.28 -10.55 -5.42
C ALA A 411 15.06 -11.32 -5.89
N VAL A 412 14.18 -10.61 -6.59
CA VAL A 412 12.94 -11.24 -7.13
C VAL A 412 13.30 -12.32 -8.17
N SER A 413 14.19 -11.99 -9.10
CA SER A 413 14.61 -12.91 -10.15
C SER A 413 15.43 -14.06 -9.65
N CYS A 414 16.35 -13.79 -8.70
CA CYS A 414 17.19 -14.86 -8.17
C CYS A 414 16.50 -15.66 -7.08
N LYS A 415 15.29 -15.23 -6.73
CA LYS A 415 14.44 -15.94 -5.76
C LYS A 415 15.20 -16.11 -4.44
N CYS A 416 15.71 -15.00 -3.88
CA CYS A 416 16.57 -15.13 -2.72
C CYS A 416 16.34 -14.01 -1.72
N LEU A 417 17.12 -14.00 -0.65
CA LEU A 417 16.98 -12.97 0.38
C LEU A 417 17.37 -11.59 -0.12
N LEU A 418 16.69 -10.55 0.36
CA LEU A 418 17.02 -9.18 0.02
C LEU A 418 17.44 -8.49 1.29
N VAL A 419 18.68 -8.00 1.33
CA VAL A 419 19.20 -7.41 2.56
C VAL A 419 19.15 -5.90 2.38
N THR A 420 18.18 -5.26 3.04
CA THR A 420 18.07 -3.80 2.99
C THR A 420 17.24 -3.33 4.18
N ASN A 421 17.59 -2.17 4.72
CA ASN A 421 16.73 -1.53 5.70
C ASN A 421 15.88 -0.44 5.06
N ASP A 422 15.94 -0.31 3.75
CA ASP A 422 15.10 0.66 3.03
C ASP A 422 13.66 0.35 3.40
N GLU A 423 12.96 1.36 3.92
CA GLU A 423 11.51 1.35 4.17
C GLU A 423 10.66 0.74 3.04
N MET A 424 11.01 1.11 1.81
CA MET A 424 10.32 0.60 0.62
C MET A 424 8.84 1.04 0.55
N ARG A 425 8.59 2.29 0.93
CA ARG A 425 7.26 2.89 0.76
C ARG A 425 7.26 4.34 0.28
N ASP A 426 8.41 4.74 -0.24
CA ASP A 426 8.64 5.93 -1.04
C ASP A 426 8.13 5.73 -2.47
N HIS A 427 8.05 6.77 -3.26
CA HIS A 427 7.27 6.71 -4.51
C HIS A 427 7.47 5.50 -5.37
N LEU A 428 8.71 5.22 -5.80
CA LEU A 428 8.97 4.03 -6.63
C LEU A 428 8.14 2.85 -6.12
N PHE A 429 8.15 2.67 -4.80
CA PHE A 429 7.60 1.47 -4.19
C PHE A 429 6.09 1.52 -4.13
N GLN A 430 5.50 2.71 -4.12
CA GLN A 430 4.03 2.80 -4.24
C GLN A 430 3.56 2.22 -5.58
N LEU A 431 4.39 2.34 -6.62
CA LEU A 431 4.08 1.80 -7.94
C LEU A 431 3.92 0.28 -7.95
N LEU A 432 4.54 -0.39 -7.00
CA LEU A 432 4.54 -1.85 -7.01
C LEU A 432 3.25 -2.47 -6.45
N GLY A 433 2.39 -1.65 -5.84
CA GLY A 433 1.10 -2.13 -5.33
C GLY A 433 1.10 -2.69 -3.90
N ASN A 434 -0.10 -2.98 -3.37
CA ASN A 434 -0.23 -3.33 -1.94
CA ASN A 434 -0.31 -3.32 -1.97
C ASN A 434 -0.72 -4.77 -1.72
N SER A 435 -0.79 -5.57 -2.78
CA SER A 435 -1.22 -6.96 -2.67
C SER A 435 0.00 -7.88 -2.58
N PHE A 436 0.67 -8.08 -3.72
CA PHE A 436 1.76 -9.05 -3.80
C PHE A 436 3.04 -8.57 -3.14
N PHE A 437 3.45 -7.34 -3.42
CA PHE A 437 4.76 -6.89 -2.97
C PHE A 437 4.91 -6.98 -1.45
N PRO A 438 3.92 -6.49 -0.66
CA PRO A 438 4.13 -6.64 0.80
C PRO A 438 4.30 -8.08 1.29
N ARG A 439 3.61 -9.03 0.66
CA ARG A 439 3.77 -10.46 1.02
C ARG A 439 5.16 -10.99 0.66
N TRP A 440 5.62 -10.61 -0.53
CA TRP A 440 6.96 -10.98 -1.01
C TRP A 440 8.02 -10.38 -0.09
N LYS A 441 7.91 -9.08 0.20
CA LYS A 441 8.85 -8.43 1.11
C LYS A 441 8.99 -9.15 2.46
N GLU A 442 7.86 -9.55 3.05
CA GLU A 442 7.89 -10.23 4.33
C GLU A 442 8.67 -11.55 4.28
N LYS A 443 8.51 -12.28 3.19
CA LYS A 443 9.24 -13.53 3.01
C LYS A 443 10.73 -13.39 2.63
N HIS A 444 11.12 -12.26 2.04
CA HIS A 444 12.49 -12.09 1.48
C HIS A 444 13.38 -11.09 2.17
N GLN A 445 12.78 -10.10 2.83
CA GLN A 445 13.59 -9.01 3.39
C GLN A 445 14.33 -9.38 4.67
N VAL A 446 15.64 -9.18 4.65
CA VAL A 446 16.53 -9.24 5.81
C VAL A 446 16.91 -7.78 6.17
N ARG A 447 16.81 -7.44 7.44
CA ARG A 447 17.20 -6.12 7.94
C ARG A 447 18.34 -6.27 8.94
N ILE A 448 19.23 -5.27 8.99
CA ILE A 448 20.33 -5.33 9.97
C ILE A 448 19.91 -4.54 11.20
N SER A 449 20.39 -4.94 12.36
CA SER A 449 20.28 -4.07 13.53
C SER A 449 21.62 -4.16 14.24
N VAL A 450 22.00 -3.09 14.90
CA VAL A 450 23.33 -3.04 15.53
C VAL A 450 23.16 -2.69 17.00
N THR A 451 23.84 -3.41 17.90
CA THR A 451 23.87 -2.97 19.31
C THR A 451 25.29 -2.67 19.74
N ARG A 452 25.43 -1.88 20.82
CA ARG A 452 26.74 -1.64 21.40
C ARG A 452 27.37 -2.94 21.88
N GLU A 453 26.56 -3.79 22.48
CA GLU A 453 27.06 -4.96 23.15
C GLU A 453 27.47 -6.08 22.18
N ASP A 454 26.71 -6.22 21.09
CA ASP A 454 26.87 -7.41 20.24
C ASP A 454 27.34 -7.09 18.81
N GLY A 455 27.21 -5.84 18.39
CA GLY A 455 27.53 -5.50 16.98
C GLY A 455 26.34 -5.81 16.06
N LEU A 456 26.65 -6.25 14.85
CA LEU A 456 25.62 -6.36 13.82
C LEU A 456 24.84 -7.66 13.89
N LYS A 457 23.53 -7.63 13.66
CA LYS A 457 22.71 -8.83 13.69
C LYS A 457 21.88 -8.84 12.39
N LEU A 458 21.70 -10.01 11.78
CA LEU A 458 20.77 -10.11 10.66
C LEU A 458 19.40 -10.50 11.18
N ASN A 459 18.35 -9.78 10.80
CA ASN A 459 17.02 -10.09 11.29
C ASN A 459 16.26 -10.76 10.15
N MET A 460 15.95 -12.03 10.31
CA MET A 460 15.53 -12.87 9.18
C MET A 460 14.00 -12.78 8.99
N PRO A 461 13.49 -13.16 7.80
CA PRO A 461 12.04 -13.18 7.65
C PRO A 461 11.35 -14.09 8.68
N PRO A 462 10.13 -13.72 9.11
CA PRO A 462 9.47 -14.53 10.13
C PRO A 462 9.04 -15.90 9.58
N PRO A 463 8.98 -16.91 10.45
CA PRO A 463 8.57 -18.25 9.98
C PRO A 463 7.04 -18.42 9.93
N TYR A 464 6.31 -17.31 10.00
CA TYR A 464 4.85 -17.36 9.90
C TYR A 464 4.44 -16.06 9.19
N SER A 465 3.18 -15.97 8.76
CA SER A 465 2.72 -14.78 8.05
C SER A 465 2.06 -13.76 9.00
N ILE A 466 2.54 -12.51 8.95
CA ILE A 466 2.05 -11.42 9.80
C ILE A 466 0.82 -10.80 9.12
N VAL A 467 -0.31 -11.43 9.35
CA VAL A 467 -1.55 -11.03 8.68
C VAL A 467 -2.71 -11.46 9.58
N ILE A 468 -3.85 -10.81 9.41
CA ILE A 468 -5.08 -11.33 10.05
C ILE A 468 -5.25 -12.80 9.71
N GLN A 469 -5.43 -13.67 10.71
CA GLN A 469 -5.67 -15.08 10.45
C GLN A 469 -6.96 -15.56 11.15
N GLU A 470 -7.63 -16.48 10.47
CA GLU A 470 -8.85 -17.07 10.97
C GLU A 470 -8.60 -18.57 11.01
N SER A 471 -8.69 -19.17 12.19
CA SER A 471 -8.36 -20.59 12.34
C SER A 471 -9.55 -21.47 11.92
N GLU A 472 -9.30 -22.77 11.79
CA GLU A 472 -10.32 -23.72 11.38
C GLU A 472 -11.46 -23.86 12.39
N ASP A 473 -11.19 -23.51 13.65
CA ASP A 473 -12.22 -23.54 14.66
C ASP A 473 -12.82 -22.16 14.88
N GLY A 474 -12.42 -21.19 14.07
CA GLY A 474 -12.99 -19.86 14.15
C GLY A 474 -12.29 -18.86 15.06
N THR A 475 -11.09 -19.22 15.52
CA THR A 475 -10.30 -18.32 16.37
C THR A 475 -9.59 -17.26 15.49
N TRP A 476 -9.59 -16.01 15.95
CA TRP A 476 -8.94 -14.92 15.18
C TRP A 476 -7.69 -14.39 15.80
N HIS A 477 -6.70 -14.03 14.97
CA HIS A 477 -5.53 -13.26 15.41
C HIS A 477 -5.33 -12.10 14.47
N VAL A 478 -5.32 -10.89 15.04
CA VAL A 478 -5.25 -9.66 14.27
C VAL A 478 -3.96 -8.85 14.63
N PRO A 479 -3.03 -8.69 13.67
CA PRO A 479 -1.82 -7.86 13.87
C PRO A 479 -2.03 -6.39 13.65
N MET A 480 -1.51 -5.57 14.57
CA MET A 480 -1.43 -4.14 14.33
C MET A 480 -0.26 -3.84 13.40
N SER A 481 -0.42 -2.81 12.60
CA SER A 481 0.59 -2.27 11.73
C SER A 481 1.55 -1.50 12.62
N VAL A 482 2.86 -1.61 12.38
CA VAL A 482 3.85 -0.78 13.08
C VAL A 482 4.87 -0.12 12.14
N GLU A 483 5.54 0.94 12.61
CA GLU A 483 6.61 1.60 11.85
C GLU A 483 7.74 0.62 11.54
N ASP A 484 8.36 0.10 12.58
CA ASP A 484 9.42 -0.87 12.43
C ASP A 484 9.30 -1.91 13.54
N ASP A 485 8.94 -3.14 13.17
CA ASP A 485 8.66 -4.17 14.19
C ASP A 485 9.89 -4.72 14.91
N LEU A 486 11.06 -4.25 14.48
CA LEU A 486 12.30 -4.42 15.24
C LEU A 486 12.37 -3.38 16.36
N GLN A 487 12.04 -2.12 16.02
CA GLN A 487 11.99 -1.02 17.00
C GLN A 487 10.90 -1.27 18.05
N THR A 488 9.66 -1.44 17.59
CA THR A 488 8.50 -1.62 18.47
C THR A 488 7.91 -3.04 18.37
N SER A 489 7.67 -3.67 19.53
CA SER A 489 7.14 -5.05 19.60
C SER A 489 5.63 -5.13 19.21
N ARG A 490 5.33 -5.80 18.10
CA ARG A 490 4.00 -5.74 17.44
C ARG A 490 2.85 -6.32 18.26
N GLN A 491 1.84 -5.52 18.55
CA GLN A 491 0.67 -6.01 19.29
C GLN A 491 -0.30 -6.74 18.37
N TRP A 492 -0.89 -7.80 18.90
CA TRP A 492 -1.90 -8.57 18.21
C TRP A 492 -3.14 -8.64 19.06
N LEU A 493 -4.27 -8.93 18.41
CA LEU A 493 -5.49 -9.27 19.14
C LEU A 493 -5.68 -10.76 19.06
N CYS A 494 -5.94 -11.38 20.20
CA CYS A 494 -6.31 -12.79 20.22
C CYS A 494 -7.80 -12.82 20.59
N ALA A 495 -8.62 -13.35 19.69
CA ALA A 495 -10.10 -13.41 19.93
C ALA A 495 -10.53 -14.86 19.79
N LYS A 496 -10.85 -15.49 20.93
CA LYS A 496 -11.16 -16.93 21.00
C LYS A 496 -12.44 -17.17 21.84
N ARG A 497 -13.33 -18.03 21.36
CA ARG A 497 -14.60 -18.27 22.08
C ARG A 497 -14.37 -18.88 23.47
N SER A 498 -15.15 -18.42 24.45
CA SER A 498 -14.98 -18.82 25.86
C SER A 498 -15.29 -20.29 26.20
N LYS A 499 -16.33 -20.87 25.60
CA LYS A 499 -16.67 -22.28 25.90
C LYS A 499 -16.47 -23.20 24.71
ZN ZN B . -4.36 -16.58 20.45
MN MN C . 18.55 3.05 -2.36
MN MN D . 15.33 4.12 -1.58
C ACA E . 19.55 4.29 0.76
C ACA E . 19.16 5.40 -0.82
O ACA E . 18.80 3.79 1.62
O ACA E . 18.00 5.37 -1.30
OXT ACA E . 19.58 3.96 -0.46
OXT ACA E . 20.01 4.52 -1.10
C2 ACA E . 20.43 5.40 1.27
C2 ACA E . 19.51 6.50 0.15
C3 ACA E . 19.93 5.58 2.69
C3 ACA E . 18.95 6.16 1.54
C4 ACA E . 20.37 6.89 3.34
C4 ACA E . 17.43 6.33 1.66
C5 ACA E . 19.94 6.81 4.79
C5 ACA E . 16.76 5.05 2.16
C6 ACA E . 19.41 5.41 5.04
C6 ACA E . 15.41 5.33 2.81
N ACA E . 19.15 5.24 6.45
N ACA E . 15.17 4.38 3.88
#